data_8ZKD
#
_entry.id   8ZKD
#
_cell.length_a   98.193
_cell.length_b   98.193
_cell.length_c   46.873
_cell.angle_alpha   90.000
_cell.angle_beta   90.000
_cell.angle_gamma   90.000
#
_symmetry.space_group_name_H-M   'P 41'
#
loop_
_entity.id
_entity.type
_entity.pdbx_description
1 polymer 'Macrophage-stimulating protein receptor beta chain'
2 non-polymer 'PHOSPHOAMINOPHOSPHONIC ACID-ADENYLATE ESTER'
3 non-polymer 1,2-ETHANEDIOL
4 non-polymer 'MAGNESIUM ION'
5 water water
#
_entity_poly.entity_id   1
_entity_poly.type   'polypeptide(L)'
_entity_poly.pdbx_seq_one_letter_code
;RDLDSALLAEVKDVLIPHERVVTHSDRVIGKGHFGVVYHGEYIDQAQNRIQCAIKSLSRITEMQQVEAFLREGLLMRGLN
HPNVLALIGIMLPPEGLPHVLLPYMCHGDLLQFIRSPQRNPTVKDLISFGLQVARGMEYLAEQKFVHRDLAARNCMLDES
FTVKVADFGLARDILDREYYSVQQHRHARLPVKWTALESLQTYRFTTKSDVWSFGVLLWELLTRGAPPYRHIDPFDLTHF
LAQGRRLPQPEYCPDSLYQVMQQCWEADPAVRPTFRVLVGEVEQIVSALLGDHYVQLP
;
_entity_poly.pdbx_strand_id   A
#
loop_
_chem_comp.id
_chem_comp.type
_chem_comp.name
_chem_comp.formula
ANP non-polymer 'PHOSPHOAMINOPHOSPHONIC ACID-ADENYLATE ESTER' 'C10 H17 N6 O12 P3'
EDO non-polymer 1,2-ETHANEDIOL 'C2 H6 O2'
MG non-polymer 'MAGNESIUM ION' 'Mg 2'
#
# COMPACT_ATOMS: atom_id res chain seq x y z
N ARG A 1 -24.06 17.72 -10.28
CA ARG A 1 -23.06 16.70 -9.83
C ARG A 1 -23.32 16.34 -8.36
N ASP A 2 -24.58 16.02 -8.04
CA ASP A 2 -24.99 15.74 -6.67
C ASP A 2 -25.44 14.29 -6.55
N LEU A 3 -25.32 13.76 -5.33
CA LEU A 3 -25.60 12.36 -5.09
C LEU A 3 -27.10 12.17 -4.94
N ASP A 4 -27.59 11.01 -5.36
CA ASP A 4 -28.95 10.58 -5.04
C ASP A 4 -29.10 10.54 -3.51
N SER A 5 -30.24 11.04 -3.02
CA SER A 5 -30.56 11.03 -1.60
C SER A 5 -30.42 9.62 -1.03
N ALA A 6 -30.80 8.61 -1.82
CA ALA A 6 -30.81 7.23 -1.38
C ALA A 6 -29.38 6.76 -1.10
N LEU A 7 -28.46 7.04 -2.02
CA LEU A 7 -27.05 6.73 -1.86
C LEU A 7 -26.52 7.36 -0.57
N LEU A 8 -26.65 8.70 -0.47
CA LEU A 8 -26.26 9.47 0.70
C LEU A 8 -26.72 8.81 1.99
N ALA A 9 -27.94 8.23 1.98
CA ALA A 9 -28.44 7.51 3.13
C ALA A 9 -27.75 6.16 3.28
N GLU A 10 -27.50 5.47 2.16
CA GLU A 10 -26.89 4.14 2.15
C GLU A 10 -25.48 4.17 2.72
N VAL A 11 -24.73 5.25 2.42
CA VAL A 11 -23.32 5.33 2.76
C VAL A 11 -23.10 6.34 3.89
N LYS A 12 -24.19 6.70 4.58
CA LYS A 12 -24.16 7.70 5.63
C LYS A 12 -23.03 7.43 6.64
N ASP A 13 -22.83 6.16 7.01
CA ASP A 13 -21.91 5.83 8.09
C ASP A 13 -20.44 6.09 7.73
N VAL A 14 -20.12 6.50 6.50
CA VAL A 14 -18.74 6.80 6.15
C VAL A 14 -18.59 8.25 5.69
N LEU A 15 -19.70 8.92 5.33
CA LEU A 15 -19.61 10.31 4.89
C LEU A 15 -19.40 11.23 6.09
N ILE A 16 -18.51 12.21 5.91
CA ILE A 16 -18.35 13.30 6.86
C ILE A 16 -18.74 14.58 6.13
N PRO A 17 -19.73 15.37 6.64
CA PRO A 17 -20.15 16.58 5.95
C PRO A 17 -18.96 17.52 5.83
N HIS A 18 -18.88 18.24 4.70
CA HIS A 18 -17.78 19.14 4.40
C HIS A 18 -17.60 20.17 5.51
N GLU A 19 -18.70 20.55 6.17
CA GLU A 19 -18.66 21.56 7.21
C GLU A 19 -18.18 20.99 8.55
N ARG A 20 -17.81 19.69 8.60
CA ARG A 20 -17.13 19.19 9.78
C ARG A 20 -15.64 18.99 9.49
N VAL A 21 -15.13 19.59 8.41
CA VAL A 21 -13.75 19.33 7.99
C VAL A 21 -13.08 20.62 7.50
N VAL A 22 -11.81 20.79 7.91
CA VAL A 22 -10.90 21.78 7.34
C VAL A 22 -9.76 21.07 6.62
N THR A 23 -9.52 21.47 5.35
CA THR A 23 -8.37 21.03 4.59
C THR A 23 -7.38 22.18 4.49
N HIS A 24 -6.19 22.02 5.07
CA HIS A 24 -5.16 23.04 4.98
C HIS A 24 -4.48 22.93 3.61
N SER A 25 -5.11 23.54 2.60
CA SER A 25 -4.67 23.39 1.22
C SER A 25 -3.28 23.99 0.99
N ASP A 26 -2.74 24.68 1.99
CA ASP A 26 -1.41 25.25 1.91
C ASP A 26 -0.40 24.39 2.69
N ARG A 27 -0.87 23.30 3.32
CA ARG A 27 0.00 22.42 4.08
C ARG A 27 0.04 21.05 3.41
N VAL A 28 0.69 21.00 2.24
CA VAL A 28 0.74 19.83 1.40
C VAL A 28 1.80 18.85 1.93
N ILE A 29 1.39 17.62 2.25
CA ILE A 29 2.33 16.61 2.71
C ILE A 29 3.05 16.01 1.49
N GLY A 30 2.30 15.68 0.44
CA GLY A 30 2.91 15.23 -0.79
C GLY A 30 1.84 14.80 -1.79
N LYS A 31 2.28 14.48 -3.01
CA LYS A 31 1.40 14.02 -4.06
C LYS A 31 1.85 12.64 -4.54
N GLY A 32 0.88 11.78 -4.88
CA GLY A 32 1.16 10.42 -5.28
C GLY A 32 0.46 10.05 -6.59
N HIS A 33 0.30 8.74 -6.80
CA HIS A 33 -0.30 8.21 -8.02
C HIS A 33 -1.78 8.62 -8.09
N PHE A 34 -2.46 8.72 -6.93
CA PHE A 34 -3.92 8.76 -6.90
C PHE A 34 -4.47 10.01 -6.24
N GLY A 35 -3.60 10.91 -5.73
CA GLY A 35 -4.06 12.22 -5.30
C GLY A 35 -3.01 13.00 -4.51
N VAL A 36 -3.46 14.09 -3.88
CA VAL A 36 -2.63 14.97 -3.07
C VAL A 36 -3.05 14.82 -1.61
N VAL A 37 -2.05 14.71 -0.73
CA VAL A 37 -2.31 14.57 0.70
C VAL A 37 -1.99 15.89 1.38
N TYR A 38 -2.90 16.32 2.28
CA TYR A 38 -2.76 17.57 3.01
C TYR A 38 -2.94 17.33 4.51
N HIS A 39 -2.34 18.21 5.33
CA HIS A 39 -2.74 18.32 6.72
C HIS A 39 -4.17 18.85 6.77
N GLY A 40 -4.89 18.44 7.81
CA GLY A 40 -6.26 18.87 7.97
C GLY A 40 -6.77 18.60 9.39
N GLU A 41 -8.07 18.88 9.57
CA GLU A 41 -8.72 18.80 10.86
C GLU A 41 -10.19 18.51 10.67
N TYR A 42 -10.77 17.72 11.57
CA TYR A 42 -12.19 17.42 11.51
C TYR A 42 -12.73 17.37 12.92
N ILE A 43 -14.05 17.48 13.02
CA ILE A 43 -14.75 17.41 14.30
C ILE A 43 -15.32 16.01 14.47
N ASP A 44 -14.95 15.34 15.56
CA ASP A 44 -15.42 13.99 15.84
C ASP A 44 -16.86 14.07 16.36
N GLN A 45 -17.36 12.96 16.92
CA GLN A 45 -18.75 12.89 17.36
C GLN A 45 -18.90 13.49 18.76
N ALA A 46 -17.82 13.50 19.54
CA ALA A 46 -17.81 14.16 20.83
C ALA A 46 -17.62 15.67 20.68
N GLN A 47 -17.47 16.16 19.43
CA GLN A 47 -17.35 17.58 19.12
C GLN A 47 -15.92 18.07 19.41
N ASN A 48 -14.97 17.15 19.57
CA ASN A 48 -13.57 17.50 19.68
C ASN A 48 -12.95 17.63 18.29
N ARG A 49 -11.99 18.54 18.15
CA ARG A 49 -11.32 18.71 16.87
C ARG A 49 -10.07 17.83 16.86
N ILE A 50 -9.91 17.05 15.78
CA ILE A 50 -8.85 16.07 15.61
C ILE A 50 -8.03 16.45 14.38
N GLN A 51 -6.71 16.52 14.54
CA GLN A 51 -5.81 16.69 13.41
C GLN A 51 -5.74 15.37 12.64
N CYS A 52 -5.57 15.45 11.31
CA CYS A 52 -5.51 14.25 10.49
C CYS A 52 -4.78 14.56 9.19
N ALA A 53 -4.66 13.53 8.33
CA ALA A 53 -4.27 13.73 6.94
C ALA A 53 -5.51 13.60 6.07
N ILE A 54 -5.49 14.30 4.93
CA ILE A 54 -6.62 14.32 4.02
C ILE A 54 -6.09 14.17 2.61
N LYS A 55 -6.59 13.16 1.89
CA LYS A 55 -6.14 12.89 0.54
C LYS A 55 -7.29 13.13 -0.43
N SER A 56 -7.14 14.14 -1.30
CA SER A 56 -8.14 14.38 -2.33
C SER A 56 -7.80 13.53 -3.55
N LEU A 57 -8.71 12.62 -3.89
CA LEU A 57 -8.55 11.66 -4.97
C LEU A 57 -8.68 12.35 -6.32
N SER A 58 -7.68 12.13 -7.19
CA SER A 58 -7.63 12.81 -8.48
C SER A 58 -8.26 11.97 -9.60
N ARG A 59 -8.42 10.66 -9.40
CA ARG A 59 -8.80 9.78 -10.51
C ARG A 59 -10.27 9.37 -10.45
N ILE A 60 -11.05 9.90 -9.50
CA ILE A 60 -12.44 9.47 -9.33
C ILE A 60 -13.36 10.65 -9.66
N THR A 61 -13.83 10.67 -10.92
CA THR A 61 -14.50 11.84 -11.48
C THR A 61 -15.90 11.48 -11.95
N GLU A 62 -16.03 10.44 -12.78
CA GLU A 62 -17.34 10.01 -13.25
C GLU A 62 -18.20 9.66 -12.04
N MET A 63 -19.51 9.91 -12.15
CA MET A 63 -20.40 9.72 -11.02
C MET A 63 -20.55 8.24 -10.68
N GLN A 64 -20.49 7.35 -11.68
CA GLN A 64 -20.59 5.92 -11.41
C GLN A 64 -19.39 5.49 -10.56
N GLN A 65 -18.21 6.04 -10.86
CA GLN A 65 -17.00 5.69 -10.13
C GLN A 65 -17.04 6.29 -8.73
N VAL A 66 -17.62 7.50 -8.61
CA VAL A 66 -17.71 8.14 -7.30
C VAL A 66 -18.61 7.29 -6.41
N GLU A 67 -19.71 6.79 -6.98
CA GLU A 67 -20.66 6.00 -6.21
C GLU A 67 -19.99 4.69 -5.78
N ALA A 68 -19.28 4.06 -6.74
CA ALA A 68 -18.60 2.80 -6.48
C ALA A 68 -17.62 2.99 -5.32
N PHE A 69 -16.89 4.11 -5.36
CA PHE A 69 -15.90 4.41 -4.35
C PHE A 69 -16.54 4.54 -2.97
N LEU A 70 -17.71 5.19 -2.88
CA LEU A 70 -18.32 5.45 -1.58
C LEU A 70 -18.81 4.15 -0.95
N ARG A 71 -19.33 3.25 -1.80
CA ARG A 71 -19.80 1.96 -1.31
C ARG A 71 -18.62 1.12 -0.84
N GLU A 72 -17.47 1.23 -1.54
CA GLU A 72 -16.25 0.58 -1.13
C GLU A 72 -15.72 1.23 0.15
N GLY A 73 -15.77 2.57 0.22
CA GLY A 73 -15.47 3.29 1.44
C GLY A 73 -16.26 2.77 2.66
N LEU A 74 -17.53 2.46 2.46
CA LEU A 74 -18.36 1.99 3.56
C LEU A 74 -17.83 0.65 4.05
N LEU A 75 -17.33 -0.19 3.13
CA LEU A 75 -16.77 -1.47 3.54
C LEU A 75 -15.47 -1.23 4.32
N MET A 76 -14.66 -0.30 3.85
CA MET A 76 -13.34 -0.07 4.44
C MET A 76 -13.48 0.52 5.83
N ARG A 77 -14.54 1.32 6.02
CA ARG A 77 -14.79 1.99 7.29
C ARG A 77 -14.87 0.97 8.43
N GLY A 78 -15.31 -0.26 8.12
CA GLY A 78 -15.45 -1.29 9.14
C GLY A 78 -14.17 -2.09 9.36
N LEU A 79 -13.09 -1.81 8.61
CA LEU A 79 -11.85 -2.51 8.80
C LEU A 79 -11.20 -2.08 10.12
N ASN A 80 -10.67 -3.04 10.89
CA ASN A 80 -10.07 -2.71 12.16
C ASN A 80 -8.96 -3.69 12.50
N HIS A 81 -7.71 -3.25 12.36
CA HIS A 81 -6.58 -4.08 12.69
C HIS A 81 -5.39 -3.20 13.05
N PRO A 82 -4.54 -3.63 14.01
CA PRO A 82 -3.38 -2.84 14.43
C PRO A 82 -2.42 -2.50 13.30
N ASN A 83 -2.37 -3.36 12.26
CA ASN A 83 -1.41 -3.18 11.18
C ASN A 83 -2.07 -2.67 9.89
N VAL A 84 -3.27 -2.10 10.04
CA VAL A 84 -4.01 -1.56 8.91
C VAL A 84 -4.41 -0.15 9.28
N LEU A 85 -4.13 0.80 8.39
CA LEU A 85 -4.51 2.19 8.61
C LEU A 85 -6.03 2.33 8.48
N ALA A 86 -6.65 2.84 9.56
CA ALA A 86 -8.07 3.16 9.63
C ALA A 86 -8.45 4.17 8.55
N LEU A 87 -9.68 4.04 8.06
CA LEU A 87 -10.33 5.09 7.30
C LEU A 87 -11.25 5.87 8.24
N ILE A 88 -10.96 7.15 8.48
CA ILE A 88 -11.81 7.96 9.36
C ILE A 88 -13.15 8.17 8.66
N GLY A 89 -13.10 8.65 7.41
CA GLY A 89 -14.30 8.72 6.60
C GLY A 89 -13.98 9.41 5.27
N ILE A 90 -15.02 9.71 4.50
CA ILE A 90 -14.88 10.33 3.19
C ILE A 90 -15.66 11.64 3.20
N MET A 91 -15.14 12.63 2.48
CA MET A 91 -15.78 13.93 2.44
C MET A 91 -15.92 14.37 0.98
N LEU A 92 -17.14 14.81 0.65
CA LEU A 92 -17.44 15.38 -0.65
C LEU A 92 -17.68 16.88 -0.49
N PRO A 93 -16.76 17.75 -0.95
CA PRO A 93 -17.03 19.18 -1.01
C PRO A 93 -18.14 19.36 -2.03
N PRO A 94 -19.01 20.40 -1.88
CA PRO A 94 -20.21 20.53 -2.70
C PRO A 94 -19.94 20.37 -4.18
N GLU A 95 -18.95 21.13 -4.69
CA GLU A 95 -18.45 20.93 -6.04
C GLU A 95 -16.98 20.53 -5.92
N GLY A 96 -16.68 19.27 -6.27
CA GLY A 96 -15.31 18.79 -6.18
C GLY A 96 -15.26 17.31 -5.84
N LEU A 97 -14.04 16.85 -5.53
CA LEU A 97 -13.70 15.44 -5.60
C LEU A 97 -13.72 14.79 -4.22
N PRO A 98 -13.79 13.44 -4.15
CA PRO A 98 -13.81 12.75 -2.86
C PRO A 98 -12.50 12.92 -2.09
N HIS A 99 -12.63 13.23 -0.80
CA HIS A 99 -11.49 13.39 0.09
C HIS A 99 -11.56 12.30 1.14
N VAL A 100 -10.43 11.63 1.35
CA VAL A 100 -10.34 10.55 2.31
C VAL A 100 -9.61 11.06 3.54
N LEU A 101 -10.24 10.91 4.72
CA LEU A 101 -9.66 11.32 5.98
C LEU A 101 -8.92 10.15 6.61
N LEU A 102 -7.63 10.36 6.92
CA LEU A 102 -6.78 9.33 7.46
C LEU A 102 -6.13 9.81 8.75
N PRO A 103 -5.87 8.91 9.72
CA PRO A 103 -5.07 9.25 10.89
C PRO A 103 -3.70 9.72 10.42
N TYR A 104 -3.25 10.82 11.01
CA TYR A 104 -1.91 11.32 10.77
C TYR A 104 -0.89 10.35 11.34
N MET A 105 0.07 9.93 10.51
CA MET A 105 1.12 9.02 10.95
C MET A 105 2.41 9.83 11.10
N CYS A 106 2.89 10.01 12.33
CA CYS A 106 3.90 11.03 12.58
C CYS A 106 5.29 10.57 12.14
N HIS A 107 5.50 9.26 11.97
CA HIS A 107 6.82 8.78 11.61
C HIS A 107 6.95 8.44 10.12
N GLY A 108 6.02 8.91 9.27
CA GLY A 108 6.14 8.74 7.83
C GLY A 108 6.00 7.28 7.37
N ASP A 109 6.67 6.94 6.27
CA ASP A 109 6.53 5.62 5.67
C ASP A 109 7.81 4.79 5.85
N LEU A 110 7.65 3.46 5.74
CA LEU A 110 8.72 2.50 5.91
C LEU A 110 9.89 2.80 4.98
N LEU A 111 9.59 3.16 3.74
CA LEU A 111 10.64 3.36 2.76
C LEU A 111 11.59 4.44 3.26
N GLN A 112 11.05 5.59 3.71
CA GLN A 112 11.89 6.68 4.20
C GLN A 112 12.57 6.29 5.50
N PHE A 113 11.89 5.53 6.36
CA PHE A 113 12.48 5.11 7.62
C PHE A 113 13.78 4.36 7.32
N ILE A 114 13.70 3.34 6.45
CA ILE A 114 14.83 2.45 6.24
C ILE A 114 15.93 3.15 5.45
N ARG A 115 15.59 4.21 4.70
CA ARG A 115 16.57 4.95 3.91
C ARG A 115 17.28 6.04 4.72
N SER A 116 16.85 6.28 5.95
CA SER A 116 17.37 7.38 6.75
C SER A 116 18.83 7.13 7.13
N PRO A 117 19.78 7.99 6.70
CA PRO A 117 21.19 7.82 7.10
C PRO A 117 21.39 7.90 8.61
N GLN A 118 20.39 8.45 9.31
CA GLN A 118 20.45 8.67 10.74
C GLN A 118 20.06 7.41 11.52
N ARG A 119 19.79 6.31 10.81
CA ARG A 119 19.42 5.06 11.48
C ARG A 119 20.36 3.96 11.03
N ASN A 120 20.45 2.92 11.87
CA ASN A 120 21.24 1.73 11.60
C ASN A 120 20.39 0.48 11.85
N PRO A 121 19.41 0.20 10.96
CA PRO A 121 18.53 -0.97 11.11
C PRO A 121 19.31 -2.27 10.96
N THR A 122 18.98 -3.26 11.79
CA THR A 122 19.53 -4.60 11.61
C THR A 122 18.58 -5.44 10.77
N VAL A 123 19.14 -6.51 10.20
CA VAL A 123 18.38 -7.55 9.52
C VAL A 123 17.13 -7.91 10.31
N LYS A 124 17.28 -8.17 11.61
CA LYS A 124 16.19 -8.63 12.45
C LYS A 124 15.14 -7.53 12.63
N ASP A 125 15.57 -6.26 12.65
CA ASP A 125 14.64 -5.13 12.68
C ASP A 125 13.79 -5.11 11.41
N LEU A 126 14.45 -5.38 10.28
CA LEU A 126 13.82 -5.21 8.97
C LEU A 126 12.83 -6.34 8.73
N ILE A 127 13.18 -7.57 9.11
CA ILE A 127 12.27 -8.70 8.95
C ILE A 127 11.07 -8.52 9.86
N SER A 128 11.27 -7.94 11.05
CA SER A 128 10.21 -7.70 12.00
C SER A 128 9.18 -6.70 11.46
N PHE A 129 9.63 -5.69 10.71
CA PHE A 129 8.73 -4.78 10.02
C PHE A 129 7.92 -5.52 8.96
N GLY A 130 8.60 -6.40 8.21
CA GLY A 130 7.99 -7.23 7.19
C GLY A 130 6.86 -8.08 7.76
N LEU A 131 7.07 -8.63 8.97
CA LEU A 131 6.07 -9.45 9.62
C LEU A 131 4.82 -8.61 9.92
N GLN A 132 5.03 -7.37 10.40
CA GLN A 132 3.90 -6.50 10.67
C GLN A 132 3.09 -6.22 9.39
N VAL A 133 3.78 -6.01 8.26
CA VAL A 133 3.09 -5.83 6.98
C VAL A 133 2.30 -7.09 6.63
N ALA A 134 2.91 -8.28 6.79
CA ALA A 134 2.24 -9.54 6.50
C ALA A 134 0.97 -9.67 7.34
N ARG A 135 1.00 -9.26 8.61
CA ARG A 135 -0.16 -9.37 9.47
C ARG A 135 -1.30 -8.44 9.02
N GLY A 136 -0.97 -7.20 8.63
CA GLY A 136 -1.98 -6.31 8.07
C GLY A 136 -2.58 -6.85 6.77
N MET A 137 -1.74 -7.46 5.93
CA MET A 137 -2.20 -7.97 4.66
C MET A 137 -3.04 -9.24 4.83
N GLU A 138 -2.72 -10.06 5.82
CA GLU A 138 -3.52 -11.24 6.14
C GLU A 138 -4.95 -10.82 6.47
N TYR A 139 -5.08 -9.74 7.24
CA TYR A 139 -6.38 -9.26 7.67
C TYR A 139 -7.16 -8.73 6.47
N LEU A 140 -6.50 -7.96 5.60
CA LEU A 140 -7.16 -7.38 4.43
C LEU A 140 -7.66 -8.50 3.52
N ALA A 141 -6.83 -9.52 3.31
CA ALA A 141 -7.15 -10.66 2.48
C ALA A 141 -8.37 -11.41 3.03
N GLU A 142 -8.38 -11.65 4.35
CA GLU A 142 -9.50 -12.28 5.03
C GLU A 142 -10.77 -11.46 4.82
N GLN A 143 -10.64 -10.11 4.77
CA GLN A 143 -11.79 -9.22 4.60
C GLN A 143 -12.14 -9.02 3.12
N LYS A 144 -11.44 -9.73 2.23
CA LYS A 144 -11.71 -9.74 0.79
C LYS A 144 -11.34 -8.40 0.16
N PHE A 145 -10.22 -7.85 0.62
CA PHE A 145 -9.65 -6.64 0.03
C PHE A 145 -8.37 -7.01 -0.69
N VAL A 146 -8.24 -6.50 -1.91
CA VAL A 146 -7.01 -6.58 -2.69
C VAL A 146 -6.39 -5.19 -2.74
N HIS A 147 -5.13 -5.10 -2.31
CA HIS A 147 -4.45 -3.83 -2.16
C HIS A 147 -4.27 -3.17 -3.52
N ARG A 148 -3.54 -3.86 -4.41
CA ARG A 148 -3.21 -3.41 -5.77
C ARG A 148 -2.03 -2.43 -5.82
N ASP A 149 -1.63 -1.85 -4.68
CA ASP A 149 -0.54 -0.89 -4.70
C ASP A 149 0.34 -1.04 -3.46
N LEU A 150 0.60 -2.28 -3.04
CA LEU A 150 1.40 -2.57 -1.87
C LEU A 150 2.88 -2.34 -2.21
N ALA A 151 3.56 -1.62 -1.33
CA ALA A 151 4.96 -1.24 -1.49
C ALA A 151 5.37 -0.59 -0.19
N ALA A 152 6.68 -0.52 0.08
CA ALA A 152 7.17 -0.04 1.36
C ALA A 152 6.71 1.39 1.63
N ARG A 153 6.55 2.19 0.57
CA ARG A 153 6.12 3.57 0.72
C ARG A 153 4.72 3.66 1.31
N ASN A 154 3.89 2.63 1.10
CA ASN A 154 2.50 2.63 1.55
C ASN A 154 2.34 1.88 2.87
N CYS A 155 3.44 1.69 3.59
CA CYS A 155 3.38 1.16 4.95
C CYS A 155 3.77 2.29 5.90
N MET A 156 2.80 2.81 6.65
CA MET A 156 3.04 4.02 7.41
C MET A 156 3.43 3.63 8.84
N LEU A 157 4.06 4.58 9.54
CA LEU A 157 4.57 4.34 10.88
C LEU A 157 3.93 5.33 11.85
N ASP A 158 3.33 4.81 12.94
CA ASP A 158 2.74 5.67 13.95
C ASP A 158 3.73 5.92 15.08
N GLU A 159 3.28 6.67 16.10
CA GLU A 159 4.13 7.18 17.17
C GLU A 159 4.96 6.06 17.79
N SER A 160 4.43 4.84 17.85
CA SER A 160 5.14 3.73 18.45
C SER A 160 5.79 2.83 17.40
N PHE A 161 6.00 3.35 16.18
CA PHE A 161 6.61 2.58 15.09
C PHE A 161 5.84 1.28 14.80
N THR A 162 4.53 1.30 15.04
CA THR A 162 3.67 0.25 14.53
C THR A 162 3.44 0.50 13.04
N VAL A 163 3.58 -0.54 12.22
CA VAL A 163 3.36 -0.40 10.79
C VAL A 163 1.85 -0.45 10.52
N LYS A 164 1.36 0.50 9.71
CA LYS A 164 -0.03 0.51 9.24
C LYS A 164 -0.05 0.44 7.71
N VAL A 165 -0.57 -0.66 7.16
CA VAL A 165 -0.74 -0.77 5.73
C VAL A 165 -1.81 0.22 5.27
N ALA A 166 -1.51 0.99 4.22
CA ALA A 166 -2.33 2.10 3.79
C ALA A 166 -2.46 2.10 2.26
N ASP A 167 -3.45 2.85 1.76
CA ASP A 167 -3.57 3.15 0.34
C ASP A 167 -4.10 1.96 -0.46
N PHE A 168 -4.69 0.98 0.23
CA PHE A 168 -5.58 0.02 -0.38
C PHE A 168 -6.88 0.74 -0.72
N GLY A 169 -7.71 0.09 -1.55
CA GLY A 169 -9.04 0.61 -1.83
C GLY A 169 -9.05 1.82 -2.79
N LEU A 170 -7.90 2.11 -3.44
CA LEU A 170 -7.76 3.24 -4.34
C LEU A 170 -7.64 2.77 -5.78
N ALA A 171 -6.54 2.06 -6.12
CA ALA A 171 -6.40 1.47 -7.44
C ALA A 171 -7.51 0.46 -7.66
N ARG A 172 -7.91 0.28 -8.94
CA ARG A 172 -9.00 -0.61 -9.30
C ARG A 172 -8.59 -1.47 -10.49
N ASP A 173 -9.21 -2.64 -10.61
CA ASP A 173 -9.07 -3.45 -11.81
C ASP A 173 -9.38 -2.58 -13.04
N ILE A 174 -8.53 -2.70 -14.07
CA ILE A 174 -8.75 -2.15 -15.42
C ILE A 174 -8.70 -0.63 -15.51
N LEU A 175 -9.48 0.09 -14.68
CA LEU A 175 -9.65 1.53 -14.82
C LEU A 175 -8.33 2.28 -14.65
N ASP A 176 -7.40 1.74 -13.85
CA ASP A 176 -6.18 2.46 -13.48
C ASP A 176 -4.95 1.88 -14.20
N ARG A 177 -5.18 1.23 -15.35
CA ARG A 177 -4.15 0.53 -16.12
CA ARG A 177 -4.13 0.53 -16.09
C ARG A 177 -2.97 1.46 -16.47
N GLU A 178 -3.22 2.78 -16.53
CA GLU A 178 -2.16 3.73 -16.83
C GLU A 178 -0.98 3.57 -15.86
N TYR A 179 -1.27 3.35 -14.58
CA TYR A 179 -0.22 3.30 -13.57
C TYR A 179 0.52 1.97 -13.58
N TYR A 180 0.04 0.98 -14.37
CA TYR A 180 0.63 -0.36 -14.39
C TYR A 180 1.15 -0.68 -15.79
N SER A 181 1.18 0.32 -16.68
CA SER A 181 1.49 0.07 -18.08
C SER A 181 3.00 0.26 -18.32
N VAL A 182 3.53 -0.57 -19.24
CA VAL A 182 4.95 -0.62 -19.53
C VAL A 182 5.24 -0.04 -20.92
N GLN A 183 4.20 0.48 -21.59
CA GLN A 183 4.34 0.99 -22.95
C GLN A 183 4.93 2.39 -22.95
N GLN A 184 5.18 2.95 -21.76
CA GLN A 184 5.84 4.24 -21.63
C GLN A 184 7.35 4.04 -21.42
N HIS A 185 7.79 2.77 -21.40
CA HIS A 185 9.19 2.40 -21.19
C HIS A 185 9.67 2.98 -19.86
N ARG A 186 10.62 3.92 -19.91
CA ARG A 186 11.19 4.52 -18.71
C ARG A 186 10.34 5.73 -18.28
N HIS A 187 9.12 5.84 -18.83
CA HIS A 187 8.12 6.78 -18.36
C HIS A 187 7.00 6.04 -17.62
N ALA A 188 7.17 4.72 -17.43
CA ALA A 188 6.23 3.91 -16.69
C ALA A 188 6.28 4.27 -15.20
N ARG A 189 5.16 4.06 -14.51
CA ARG A 189 5.00 4.48 -13.12
C ARG A 189 5.60 3.45 -12.19
N LEU A 190 5.88 3.84 -10.94
CA LEU A 190 6.56 2.99 -9.99
C LEU A 190 5.85 1.63 -9.88
N PRO A 191 4.50 1.57 -9.79
CA PRO A 191 3.81 0.31 -9.46
C PRO A 191 4.11 -0.89 -10.37
N VAL A 192 4.46 -0.64 -11.64
CA VAL A 192 4.86 -1.68 -12.58
C VAL A 192 5.79 -2.71 -11.93
N LYS A 193 6.79 -2.24 -11.18
CA LYS A 193 7.87 -3.09 -10.70
C LYS A 193 7.50 -3.85 -9.42
N TRP A 194 6.30 -3.58 -8.89
CA TRP A 194 5.79 -4.29 -7.72
C TRP A 194 4.66 -5.25 -8.14
N THR A 195 4.31 -5.23 -9.43
CA THR A 195 3.08 -5.86 -9.89
C THR A 195 3.36 -7.26 -10.42
N ALA A 196 2.49 -8.20 -10.02
CA ALA A 196 2.57 -9.58 -10.46
C ALA A 196 2.50 -9.67 -11.98
N LEU A 197 3.26 -10.63 -12.52
CA LEU A 197 3.38 -10.81 -13.95
C LEU A 197 2.00 -10.90 -14.61
N GLU A 198 1.06 -11.68 -14.05
CA GLU A 198 -0.25 -11.85 -14.68
C GLU A 198 -1.05 -10.55 -14.67
N SER A 199 -0.87 -9.70 -13.66
CA SER A 199 -1.63 -8.45 -13.55
C SER A 199 -1.07 -7.37 -14.48
N LEU A 200 0.25 -7.40 -14.74
CA LEU A 200 0.82 -6.60 -15.81
C LEU A 200 0.12 -6.90 -17.13
N GLN A 201 -0.31 -8.15 -17.31
CA GLN A 201 -0.89 -8.61 -18.57
C GLN A 201 -2.39 -8.28 -18.65
N THR A 202 -3.13 -8.30 -17.52
CA THR A 202 -4.59 -8.21 -17.57
C THR A 202 -5.16 -6.99 -16.83
N TYR A 203 -4.41 -6.38 -15.91
CA TYR A 203 -4.94 -5.33 -15.03
C TYR A 203 -6.06 -5.88 -14.13
N ARG A 204 -6.00 -7.17 -13.84
CA ARG A 204 -6.84 -7.80 -12.84
C ARG A 204 -5.96 -8.25 -11.68
N PHE A 205 -6.36 -7.86 -10.47
CA PHE A 205 -5.54 -8.05 -9.28
C PHE A 205 -6.27 -8.97 -8.31
N THR A 206 -5.50 -9.82 -7.61
CA THR A 206 -6.02 -10.74 -6.61
C THR A 206 -5.10 -10.68 -5.38
N THR A 207 -5.49 -11.37 -4.30
CA THR A 207 -4.64 -11.46 -3.14
C THR A 207 -3.31 -12.10 -3.52
N LYS A 208 -3.32 -13.00 -4.51
CA LYS A 208 -2.08 -13.64 -4.94
C LYS A 208 -1.19 -12.64 -5.70
N SER A 209 -1.77 -11.65 -6.39
CA SER A 209 -0.91 -10.62 -6.95
C SER A 209 -0.40 -9.68 -5.86
N ASP A 210 -1.17 -9.45 -4.78
CA ASP A 210 -0.62 -8.79 -3.61
C ASP A 210 0.52 -9.58 -2.97
N VAL A 211 0.46 -10.91 -3.01
CA VAL A 211 1.54 -11.72 -2.42
C VAL A 211 2.83 -11.45 -3.20
N TRP A 212 2.74 -11.42 -4.53
CA TRP A 212 3.88 -11.03 -5.33
C TRP A 212 4.42 -9.67 -4.87
N SER A 213 3.54 -8.67 -4.72
CA SER A 213 3.94 -7.34 -4.32
C SER A 213 4.68 -7.40 -2.98
N PHE A 214 4.16 -8.21 -2.04
CA PHE A 214 4.78 -8.35 -0.73
C PHE A 214 6.20 -8.89 -0.82
N GLY A 215 6.47 -9.81 -1.74
CA GLY A 215 7.82 -10.30 -1.98
C GLY A 215 8.77 -9.15 -2.34
N VAL A 216 8.34 -8.29 -3.25
CA VAL A 216 9.14 -7.14 -3.64
C VAL A 216 9.32 -6.23 -2.43
N LEU A 217 8.27 -6.09 -1.62
CA LEU A 217 8.37 -5.28 -0.43
C LEU A 217 9.45 -5.82 0.53
N LEU A 218 9.48 -7.14 0.73
CA LEU A 218 10.52 -7.73 1.57
C LEU A 218 11.90 -7.42 0.99
N TRP A 219 12.02 -7.42 -0.33
CA TRP A 219 13.30 -7.15 -0.97
C TRP A 219 13.72 -5.70 -0.73
N GLU A 220 12.77 -4.77 -0.79
CA GLU A 220 13.00 -3.38 -0.39
C GLU A 220 13.58 -3.29 1.02
N LEU A 221 12.91 -3.93 1.97
CA LEU A 221 13.33 -3.88 3.35
C LEU A 221 14.80 -4.28 3.49
N LEU A 222 15.17 -5.40 2.87
CA LEU A 222 16.47 -6.00 3.14
C LEU A 222 17.59 -5.41 2.29
N THR A 223 17.25 -4.58 1.30
CA THR A 223 18.21 -3.72 0.61
C THR A 223 18.16 -2.28 1.18
N ARG A 224 17.30 -2.04 2.18
CA ARG A 224 17.03 -0.70 2.70
C ARG A 224 16.72 0.29 1.59
N GLY A 225 15.86 -0.11 0.65
CA GLY A 225 15.16 0.84 -0.19
C GLY A 225 15.76 0.95 -1.57
N ALA A 226 16.45 -0.10 -2.03
CA ALA A 226 16.97 -0.10 -3.38
C ALA A 226 15.79 -0.06 -4.34
N PRO A 227 15.95 0.56 -5.52
CA PRO A 227 14.91 0.51 -6.54
C PRO A 227 14.91 -0.88 -7.17
N PRO A 228 13.77 -1.59 -7.27
CA PRO A 228 13.75 -2.91 -7.90
C PRO A 228 14.01 -2.82 -9.40
N TYR A 229 14.79 -3.78 -9.92
CA TYR A 229 15.07 -3.92 -11.35
C TYR A 229 15.60 -2.59 -11.92
N ARG A 230 16.58 -2.00 -11.22
CA ARG A 230 17.05 -0.65 -11.51
C ARG A 230 17.47 -0.48 -12.97
N HIS A 231 18.15 -1.48 -13.54
CA HIS A 231 18.75 -1.32 -14.86
C HIS A 231 17.92 -1.93 -15.99
N ILE A 232 16.68 -2.33 -15.70
CA ILE A 232 15.83 -2.98 -16.69
C ILE A 232 14.81 -1.97 -17.18
N ASP A 233 14.76 -1.71 -18.49
CA ASP A 233 13.66 -0.96 -19.09
C ASP A 233 12.36 -1.72 -18.80
N PRO A 234 11.32 -1.06 -18.22
CA PRO A 234 10.02 -1.71 -17.98
C PRO A 234 9.43 -2.42 -19.19
N PHE A 235 9.80 -1.95 -20.39
CA PHE A 235 9.37 -2.57 -21.64
C PHE A 235 9.87 -4.01 -21.70
N ASP A 236 11.06 -4.28 -21.13
CA ASP A 236 11.64 -5.62 -21.11
C ASP A 236 11.22 -6.41 -19.87
N LEU A 237 10.46 -5.79 -18.96
CA LEU A 237 10.29 -6.38 -17.63
C LEU A 237 9.48 -7.66 -17.72
N THR A 238 8.39 -7.67 -18.49
CA THR A 238 7.56 -8.86 -18.64
C THR A 238 8.40 -10.01 -19.21
N HIS A 239 9.29 -9.71 -20.16
CA HIS A 239 10.12 -10.73 -20.78
C HIS A 239 11.14 -11.27 -19.79
N PHE A 240 11.70 -10.39 -18.94
CA PHE A 240 12.67 -10.80 -17.93
C PHE A 240 12.02 -11.79 -16.96
N LEU A 241 10.81 -11.46 -16.51
CA LEU A 241 10.08 -12.25 -15.55
C LEU A 241 9.59 -13.55 -16.18
N ALA A 242 9.24 -13.50 -17.46
CA ALA A 242 8.78 -14.69 -18.17
C ALA A 242 9.92 -15.69 -18.38
N GLN A 243 11.15 -15.21 -18.56
CA GLN A 243 12.32 -16.07 -18.54
C GLN A 243 12.56 -16.70 -17.17
N GLY A 244 11.90 -16.20 -16.11
CA GLY A 244 12.07 -16.73 -14.77
C GLY A 244 13.17 -16.01 -13.97
N ARG A 245 13.72 -14.92 -14.51
CA ARG A 245 14.60 -14.08 -13.72
C ARG A 245 13.79 -13.30 -12.68
N ARG A 246 14.44 -13.00 -11.56
CA ARG A 246 13.81 -12.40 -10.40
C ARG A 246 14.80 -11.43 -9.76
N LEU A 247 14.34 -10.66 -8.78
CA LEU A 247 15.24 -9.87 -7.98
C LEU A 247 16.25 -10.78 -7.29
N PRO A 248 17.53 -10.35 -7.20
CA PRO A 248 18.58 -11.15 -6.58
C PRO A 248 18.52 -11.10 -5.07
N GLN A 249 19.10 -12.09 -4.40
CA GLN A 249 19.10 -12.13 -2.95
C GLN A 249 19.96 -11.00 -2.39
N PRO A 250 19.41 -10.10 -1.55
CA PRO A 250 20.20 -9.05 -0.91
C PRO A 250 21.35 -9.66 -0.10
N GLU A 251 22.41 -8.85 0.06
CA GLU A 251 23.65 -9.31 0.65
C GLU A 251 23.41 -10.01 2.00
N TYR A 252 22.57 -9.45 2.86
CA TYR A 252 22.47 -9.97 4.22
C TYR A 252 21.10 -10.61 4.45
N CYS A 253 20.39 -10.90 3.36
CA CYS A 253 19.12 -11.59 3.46
C CYS A 253 19.35 -13.07 3.72
N PRO A 254 18.78 -13.66 4.79
CA PRO A 254 18.94 -15.08 5.05
C PRO A 254 18.32 -15.89 3.92
N ASP A 255 18.87 -17.08 3.68
CA ASP A 255 18.38 -17.97 2.64
C ASP A 255 16.91 -18.30 2.85
N SER A 256 16.49 -18.39 4.12
CA SER A 256 15.13 -18.79 4.42
C SER A 256 14.15 -17.71 3.92
N LEU A 257 14.53 -16.44 4.05
CA LEU A 257 13.67 -15.35 3.62
C LEU A 257 13.70 -15.21 2.09
N TYR A 258 14.87 -15.41 1.46
CA TYR A 258 14.98 -15.32 0.01
C TYR A 258 14.08 -16.38 -0.62
N GLN A 259 13.98 -17.53 0.06
CA GLN A 259 13.13 -18.62 -0.40
C GLN A 259 11.66 -18.18 -0.37
N VAL A 260 11.25 -17.49 0.69
CA VAL A 260 9.90 -16.95 0.80
C VAL A 260 9.64 -15.94 -0.32
N MET A 261 10.62 -15.08 -0.60
CA MET A 261 10.50 -14.11 -1.68
C MET A 261 10.25 -14.85 -2.99
N GLN A 262 10.99 -15.95 -3.19
CA GLN A 262 10.89 -16.71 -4.42
C GLN A 262 9.51 -17.35 -4.54
N GLN A 263 8.97 -17.87 -3.43
CA GLN A 263 7.61 -18.41 -3.41
C GLN A 263 6.60 -17.32 -3.80
N CYS A 264 6.78 -16.10 -3.25
CA CYS A 264 5.91 -14.98 -3.55
C CYS A 264 5.90 -14.65 -5.04
N TRP A 265 7.00 -14.93 -5.74
CA TRP A 265 7.12 -14.58 -7.15
C TRP A 265 6.99 -15.80 -8.08
N GLU A 266 6.41 -16.91 -7.60
CA GLU A 266 6.10 -18.01 -8.52
C GLU A 266 5.20 -17.50 -9.62
N ALA A 267 5.42 -17.98 -10.85
CA ALA A 267 4.67 -17.52 -12.00
C ALA A 267 3.22 -17.96 -11.92
N ASP A 268 2.96 -19.08 -11.23
CA ASP A 268 1.62 -19.60 -11.06
C ASP A 268 1.03 -19.07 -9.75
N PRO A 269 0.02 -18.18 -9.82
CA PRO A 269 -0.51 -17.53 -8.62
C PRO A 269 -0.96 -18.56 -7.60
N ALA A 270 -1.45 -19.71 -8.07
CA ALA A 270 -1.98 -20.75 -7.20
C ALA A 270 -0.86 -21.34 -6.35
N VAL A 271 0.37 -21.29 -6.85
CA VAL A 271 1.49 -21.87 -6.12
C VAL A 271 1.99 -20.91 -5.04
N ARG A 272 1.77 -19.60 -5.20
CA ARG A 272 2.25 -18.65 -4.20
C ARG A 272 1.54 -18.91 -2.89
N PRO A 273 2.17 -18.70 -1.72
CA PRO A 273 1.46 -18.89 -0.45
C PRO A 273 0.45 -17.77 -0.16
N THR A 274 -0.47 -18.07 0.76
CA THR A 274 -1.40 -17.10 1.31
C THR A 274 -0.66 -16.22 2.32
N PHE A 275 -1.24 -15.06 2.61
CA PHE A 275 -0.73 -14.22 3.67
C PHE A 275 -0.76 -14.95 5.02
N ARG A 276 -1.73 -15.83 5.24
CA ARG A 276 -1.80 -16.53 6.51
C ARG A 276 -0.55 -17.39 6.70
N VAL A 277 -0.13 -18.05 5.61
CA VAL A 277 1.03 -18.92 5.64
C VAL A 277 2.30 -18.07 5.76
N LEU A 278 2.35 -16.93 5.06
CA LEU A 278 3.50 -16.06 5.13
C LEU A 278 3.73 -15.56 6.55
N VAL A 279 2.64 -15.17 7.23
CA VAL A 279 2.74 -14.70 8.60
C VAL A 279 3.49 -15.76 9.41
N GLY A 280 3.05 -17.01 9.30
CA GLY A 280 3.62 -18.12 10.03
C GLY A 280 5.08 -18.35 9.67
N GLU A 281 5.39 -18.29 8.37
CA GLU A 281 6.74 -18.56 7.89
C GLU A 281 7.68 -17.47 8.37
N VAL A 282 7.23 -16.21 8.30
CA VAL A 282 8.13 -15.10 8.59
C VAL A 282 8.38 -15.07 10.10
N GLU A 283 7.33 -15.36 10.88
CA GLU A 283 7.44 -15.47 12.33
C GLU A 283 8.48 -16.53 12.71
N GLN A 284 8.48 -17.66 11.99
CA GLN A 284 9.39 -18.75 12.28
C GLN A 284 10.82 -18.32 11.98
N ILE A 285 11.02 -17.62 10.86
CA ILE A 285 12.33 -17.13 10.46
C ILE A 285 12.86 -16.17 11.52
N VAL A 286 12.01 -15.25 11.97
CA VAL A 286 12.42 -14.26 12.96
C VAL A 286 12.96 -14.99 14.19
N SER A 287 12.18 -15.95 14.70
CA SER A 287 12.51 -16.63 15.95
C SER A 287 13.76 -17.48 15.81
N ALA A 288 14.06 -17.94 14.58
CA ALA A 288 15.17 -18.85 14.34
C ALA A 288 16.43 -18.13 13.81
N LEU A 289 16.48 -16.79 13.88
CA LEU A 289 17.65 -16.06 13.41
C LEU A 289 18.85 -16.38 14.32
N LEU A 290 20.05 -16.45 13.71
CA LEU A 290 21.29 -16.64 14.46
C LEU A 290 22.19 -15.44 14.19
N GLY A 291 22.57 -14.72 15.26
CA GLY A 291 23.28 -13.46 15.14
C GLY A 291 22.42 -12.38 14.48
N ASP A 292 23.04 -11.26 14.16
CA ASP A 292 22.36 -10.10 13.60
C ASP A 292 23.42 -9.22 12.97
N HIS A 293 23.11 -8.67 11.80
CA HIS A 293 24.01 -7.80 11.07
C HIS A 293 23.30 -6.46 10.91
N TYR A 294 24.08 -5.37 10.92
CA TYR A 294 23.62 -4.10 10.41
C TYR A 294 23.52 -4.26 8.91
N VAL A 295 22.67 -3.44 8.28
CA VAL A 295 22.50 -3.45 6.84
C VAL A 295 22.81 -2.05 6.33
N GLN A 296 23.66 -1.97 5.30
CA GLN A 296 24.07 -0.72 4.68
C GLN A 296 23.00 -0.19 3.74
N LEU A 297 23.07 1.12 3.47
CA LEU A 297 22.25 1.75 2.45
C LEU A 297 22.73 1.31 1.07
N PRO A 298 21.87 1.33 0.02
CA PRO A 298 22.30 0.99 -1.35
C PRO A 298 22.93 2.14 -2.12
PG ANP B . 1.19 6.01 -3.75
O1G ANP B . 1.61 4.66 -4.38
O2G ANP B . 0.27 6.72 -4.73
O3G ANP B . 0.46 5.84 -2.43
PB ANP B . 3.05 7.71 -2.17
O1B ANP B . 4.41 8.32 -2.31
O2B ANP B . 2.73 6.98 -0.88
N3B ANP B . 2.59 6.86 -3.49
PA ANP B . 0.68 9.33 -1.45
O1A ANP B . -0.15 10.17 -2.37
O2A ANP B . 0.05 8.09 -0.89
O3A ANP B . 2.06 8.98 -2.20
O5' ANP B . 1.19 10.22 -0.22
C5' ANP B . 1.84 11.50 -0.42
C4' ANP B . 2.67 11.79 0.80
O4' ANP B . 1.79 11.84 1.97
C3' ANP B . 3.74 10.73 1.12
O3' ANP B . 4.93 11.31 1.62
C2' ANP B . 3.06 9.89 2.20
O2' ANP B . 4.00 9.23 3.02
C1' ANP B . 2.28 10.96 2.96
N9 ANP B . 1.12 10.43 3.69
C8 ANP B . 0.10 9.68 3.18
N7 ANP B . -0.79 9.33 4.08
C5 ANP B . -0.31 9.89 5.25
C6 ANP B . -0.79 9.89 6.57
N6 ANP B . -1.92 9.28 6.93
N1 ANP B . -0.07 10.56 7.51
C2 ANP B . 1.06 11.17 7.13
N3 ANP B . 1.61 11.23 5.93
C4 ANP B . 0.87 10.58 5.02
C1 EDO C . -13.42 -6.50 -9.94
O1 EDO C . -13.83 -5.64 -11.00
C2 EDO C . -13.39 -5.81 -8.63
O2 EDO C . -14.59 -6.02 -7.85
C1 EDO D . 5.09 -12.96 -21.27
O1 EDO D . 5.86 -13.74 -22.17
C2 EDO D . 5.35 -11.51 -21.40
O2 EDO D . 5.60 -11.11 -22.73
MG MG E . 0.87 6.31 -0.55
#